data_6XO3
#
_entry.id   6XO3
#
_cell.length_a   61.454
_cell.length_b   61.454
_cell.length_c   167.271
_cell.angle_alpha   90.000
_cell.angle_beta   90.000
_cell.angle_gamma   90.000
#
_symmetry.space_group_name_H-M   'P 43 21 2'
#
loop_
_entity.id
_entity.type
_entity.pdbx_description
1 polymer 'ScoE protein'
2 non-polymer '2-OXOGLUTARIC ACID'
3 non-polymer 'FE (II) ION'
4 non-polymer 'CHLORIDE ION'
5 water water
#
_entity_poly.entity_id   1
_entity_poly.type   'polypeptide(L)'
_entity_poly.pdbx_seq_one_letter_code
;MKETAAAKFERQHMDSPDLGTGGGSGIEGRMQIDEQPGNAIGAAVEGFDHATASDADIDALKSTIYTKKIAVLKGQDLSP
QQFLALGKRLGRPEAYYEPMYQHPEVTEIFVSSNVPENGKQIGVPKTGKFWHADYQFMPDPFGITLIYPQVIPEKNRGTY
FIDMGRAYDRLPEDLKKEISGTYCRHSVRKYFKIRPHDVYRPISEIIEEVERKTPAVVQPTTFTHPMTGETVLYISEGFT
VGIEDQDGKPLDEELLKRLFDATGQLDESFEHDNIHLQSFEQGDLLVWDNRSLIHRARHTTTPEPTVSYRVTVHDERKLH
DGIQAA
;
_entity_poly.pdbx_strand_id   A
#
loop_
_chem_comp.id
_chem_comp.type
_chem_comp.name
_chem_comp.formula
AKG non-polymer '2-OXOGLUTARIC ACID' 'C5 H6 O5'
CL non-polymer 'CHLORIDE ION' 'Cl -1'
FE2 non-polymer 'FE (II) ION' 'Fe 2'
#
# COMPACT_ATOMS: atom_id res chain seq x y z
N GLU A 28 7.88 5.26 -27.81
CA GLU A 28 8.06 6.53 -27.13
C GLU A 28 7.90 7.73 -28.06
N GLY A 29 8.23 8.90 -27.54
CA GLY A 29 8.04 10.14 -28.25
C GLY A 29 6.94 11.03 -27.69
N ARG A 30 6.17 10.55 -26.71
CA ARG A 30 5.06 11.34 -26.20
C ARG A 30 4.88 11.31 -24.69
N MET A 31 5.35 10.28 -23.96
CA MET A 31 5.26 10.29 -22.50
C MET A 31 6.03 11.47 -21.93
N GLN A 32 5.36 12.29 -21.10
CA GLN A 32 6.03 13.40 -20.43
C GLN A 32 5.71 13.36 -18.94
N ILE A 33 6.77 13.34 -18.13
CA ILE A 33 6.67 13.26 -16.67
C ILE A 33 6.90 14.64 -16.09
N ASP A 34 5.97 15.09 -15.26
CA ASP A 34 6.03 16.40 -14.60
C ASP A 34 6.13 16.15 -13.11
N GLU A 35 7.35 16.19 -12.57
CA GLU A 35 7.58 15.91 -11.16
C GLU A 35 7.32 17.15 -10.31
N GLN A 36 6.66 16.96 -9.17
CA GLN A 36 6.48 18.06 -8.24
C GLN A 36 7.84 18.62 -7.84
N PRO A 37 7.92 19.93 -7.61
CA PRO A 37 9.23 20.56 -7.37
C PRO A 37 9.85 20.13 -6.05
N GLY A 38 11.17 19.90 -6.09
CA GLY A 38 11.97 19.70 -4.89
C GLY A 38 11.64 18.46 -4.09
N ASN A 39 11.13 18.67 -2.88
CA ASN A 39 10.78 17.59 -1.97
C ASN A 39 9.30 17.30 -1.92
N ALA A 40 8.48 18.08 -2.63
CA ALA A 40 7.05 17.82 -2.65
C ALA A 40 6.80 16.45 -3.27
N ILE A 41 5.98 15.65 -2.61
CA ILE A 41 5.67 14.33 -3.10
C ILE A 41 4.89 14.42 -4.41
N GLY A 42 5.15 13.49 -5.33
CA GLY A 42 4.23 13.21 -6.41
C GLY A 42 4.73 13.69 -7.76
N ALA A 43 4.09 13.15 -8.80
CA ALA A 43 4.36 13.48 -10.19
C ALA A 43 3.11 13.21 -11.02
N ALA A 44 2.98 13.93 -12.12
CA ALA A 44 1.93 13.69 -13.11
C ALA A 44 2.57 13.25 -14.42
N VAL A 45 1.98 12.24 -15.05
CA VAL A 45 2.51 11.66 -16.28
C VAL A 45 1.44 11.78 -17.35
N GLU A 46 1.73 12.54 -18.40
CA GLU A 46 0.83 12.74 -19.51
C GLU A 46 1.30 11.91 -20.71
N GLY A 47 0.34 11.50 -21.54
CA GLY A 47 0.69 10.81 -22.78
C GLY A 47 1.31 9.45 -22.60
N PHE A 48 0.99 8.74 -21.53
CA PHE A 48 1.51 7.40 -21.31
C PHE A 48 0.60 6.36 -21.93
N ASP A 49 1.17 5.52 -22.80
CA ASP A 49 0.46 4.40 -23.41
C ASP A 49 1.26 3.13 -23.15
N HIS A 50 0.73 2.28 -22.27
CA HIS A 50 1.46 1.08 -21.87
C HIS A 50 1.76 0.16 -23.05
N ALA A 51 0.96 0.24 -24.11
CA ALA A 51 1.13 -0.63 -25.26
C ALA A 51 2.28 -0.21 -26.16
N THR A 52 2.69 1.06 -26.11
CA THR A 52 3.70 1.57 -27.03
C THR A 52 4.90 2.22 -26.34
N ALA A 53 4.85 2.43 -25.02
CA ALA A 53 5.97 3.06 -24.31
C ALA A 53 7.27 2.29 -24.54
N SER A 54 8.36 3.03 -24.69
CA SER A 54 9.67 2.42 -24.90
C SER A 54 10.20 1.86 -23.59
N ASP A 55 11.28 1.07 -23.69
CA ASP A 55 11.93 0.59 -22.48
C ASP A 55 12.48 1.75 -21.66
N ALA A 56 13.00 2.78 -22.34
CA ALA A 56 13.49 3.97 -21.64
C ALA A 56 12.36 4.69 -20.91
N ASP A 57 11.17 4.75 -21.52
CA ASP A 57 9.99 5.32 -20.88
C ASP A 57 9.68 4.63 -19.56
N ILE A 58 9.57 3.30 -19.60
CA ILE A 58 9.27 2.54 -18.38
C ILE A 58 10.33 2.79 -17.32
N ASP A 59 11.61 2.76 -17.70
CA ASP A 59 12.68 3.02 -16.74
C ASP A 59 12.54 4.40 -16.11
N ALA A 60 12.16 5.40 -16.90
CA ALA A 60 12.01 6.75 -16.36
C ALA A 60 10.80 6.83 -15.46
N LEU A 61 9.72 6.14 -15.82
CA LEU A 61 8.55 6.11 -14.96
C LEU A 61 8.87 5.42 -13.63
N LYS A 62 9.64 4.32 -13.68
CA LYS A 62 10.03 3.64 -12.46
C LYS A 62 10.87 4.55 -11.57
N SER A 63 11.84 5.25 -12.15
N SER A 63 11.84 5.24 -12.16
CA SER A 63 12.65 6.17 -11.37
CA SER A 63 12.65 6.17 -11.37
C SER A 63 11.79 7.23 -10.70
C SER A 63 11.77 7.21 -10.69
N THR A 64 10.76 7.71 -11.40
CA THR A 64 9.85 8.70 -10.80
C THR A 64 9.08 8.09 -9.63
N ILE A 65 8.59 6.85 -9.79
CA ILE A 65 7.87 6.21 -8.70
C ILE A 65 8.77 6.10 -7.46
N TYR A 66 10.03 5.69 -7.66
CA TYR A 66 10.88 5.50 -6.48
C TYR A 66 11.28 6.82 -5.84
N THR A 67 11.34 7.91 -6.59
CA THR A 67 11.83 9.17 -6.03
C THR A 67 10.72 10.15 -5.66
N LYS A 68 9.67 10.24 -6.46
CA LYS A 68 8.53 11.08 -6.13
C LYS A 68 7.42 10.33 -5.42
N LYS A 69 7.55 9.00 -5.32
CA LYS A 69 6.73 8.11 -4.49
C LYS A 69 5.36 7.84 -5.07
N ILE A 70 4.71 8.83 -5.68
CA ILE A 70 3.39 8.64 -6.28
C ILE A 70 3.41 9.25 -7.67
N ALA A 71 3.20 8.43 -8.69
CA ALA A 71 3.00 8.91 -10.05
C ALA A 71 1.53 8.74 -10.42
N VAL A 72 0.92 9.81 -10.91
CA VAL A 72 -0.46 9.79 -11.39
C VAL A 72 -0.41 9.77 -12.92
N LEU A 73 -0.78 8.64 -13.52
CA LEU A 73 -0.91 8.54 -14.97
C LEU A 73 -2.24 9.14 -15.38
N LYS A 74 -2.22 10.06 -16.34
CA LYS A 74 -3.41 10.78 -16.76
C LYS A 74 -4.01 10.18 -18.02
N GLY A 75 -5.31 10.38 -18.19
CA GLY A 75 -5.98 9.98 -19.41
C GLY A 75 -6.01 8.49 -19.68
N GLN A 76 -6.08 7.66 -18.64
CA GLN A 76 -6.08 6.21 -18.82
C GLN A 76 -7.51 5.72 -18.96
N ASP A 77 -7.81 5.04 -20.06
CA ASP A 77 -9.15 4.50 -20.33
C ASP A 77 -8.99 3.04 -20.69
N LEU A 78 -8.94 2.18 -19.67
CA LEU A 78 -8.49 0.80 -19.83
C LEU A 78 -9.54 -0.20 -19.40
N SER A 79 -9.65 -1.29 -20.16
CA SER A 79 -10.39 -2.45 -19.70
C SER A 79 -9.66 -3.08 -18.53
N PRO A 80 -10.30 -3.99 -17.79
CA PRO A 80 -9.56 -4.74 -16.76
C PRO A 80 -8.35 -5.45 -17.33
N GLN A 81 -8.46 -6.00 -18.54
CA GLN A 81 -7.34 -6.67 -19.17
C GLN A 81 -6.23 -5.68 -19.54
N GLN A 82 -6.59 -4.50 -20.04
CA GLN A 82 -5.57 -3.52 -20.37
C GLN A 82 -4.88 -2.97 -19.13
N PHE A 83 -5.62 -2.85 -18.02
CA PHE A 83 -5.02 -2.43 -16.76
C PHE A 83 -3.96 -3.44 -16.30
N LEU A 84 -4.27 -4.73 -16.36
CA LEU A 84 -3.27 -5.74 -16.03
C LEU A 84 -2.06 -5.64 -16.95
N ALA A 85 -2.29 -5.41 -18.25
CA ALA A 85 -1.16 -5.30 -19.18
C ALA A 85 -0.27 -4.11 -18.83
N LEU A 86 -0.89 -3.00 -18.38
CA LEU A 86 -0.10 -1.86 -17.91
C LEU A 86 0.76 -2.24 -16.73
N GLY A 87 0.17 -2.92 -15.74
CA GLY A 87 0.95 -3.38 -14.62
C GLY A 87 2.11 -4.28 -15.02
N LYS A 88 1.88 -5.16 -16.01
CA LYS A 88 2.93 -6.07 -16.46
C LYS A 88 4.11 -5.33 -17.08
N ARG A 89 3.91 -4.09 -17.55
CA ARG A 89 5.03 -3.29 -18.02
C ARG A 89 5.96 -2.89 -16.88
N LEU A 90 5.43 -2.80 -15.66
CA LEU A 90 6.21 -2.34 -14.53
C LEU A 90 6.79 -3.48 -13.70
N GLY A 91 6.16 -4.64 -13.67
CA GLY A 91 6.68 -5.73 -12.85
C GLY A 91 5.80 -6.95 -12.96
N ARG A 92 6.02 -7.89 -12.04
CA ARG A 92 5.34 -9.17 -12.06
C ARG A 92 4.12 -9.11 -11.15
N PRO A 93 2.90 -9.14 -11.68
CA PRO A 93 1.72 -9.06 -10.83
C PRO A 93 1.60 -10.25 -9.90
N GLU A 94 1.05 -10.00 -8.71
CA GLU A 94 0.70 -11.06 -7.79
C GLU A 94 -0.77 -10.91 -7.38
N ALA A 95 -1.51 -12.00 -7.45
CA ALA A 95 -2.93 -11.96 -7.08
C ALA A 95 -3.08 -12.02 -5.55
N TYR A 96 -4.12 -11.37 -5.04
CA TYR A 96 -4.34 -11.35 -3.60
C TYR A 96 -4.63 -12.76 -3.06
N TYR A 97 -4.03 -13.08 -1.92
CA TYR A 97 -4.11 -14.44 -1.38
C TYR A 97 -5.51 -14.84 -0.92
N GLU A 98 -6.42 -13.89 -0.69
CA GLU A 98 -7.81 -14.24 -0.42
C GLU A 98 -8.63 -13.97 -1.67
N PRO A 99 -9.21 -14.99 -2.30
CA PRO A 99 -9.79 -14.80 -3.64
C PRO A 99 -11.11 -14.04 -3.67
N MET A 100 -11.79 -13.82 -2.53
CA MET A 100 -13.04 -13.06 -2.63
C MET A 100 -12.79 -11.63 -3.09
N TYR A 101 -11.55 -11.15 -2.99
CA TYR A 101 -11.16 -9.83 -3.48
C TYR A 101 -10.92 -9.77 -4.99
N GLN A 102 -10.85 -10.91 -5.66
CA GLN A 102 -10.33 -10.93 -7.03
C GLN A 102 -11.42 -10.58 -8.04
N HIS A 103 -11.04 -9.81 -9.04
CA HIS A 103 -11.96 -9.47 -10.13
C HIS A 103 -12.45 -10.76 -10.79
N PRO A 104 -13.72 -10.82 -11.21
CA PRO A 104 -14.25 -12.07 -11.77
C PRO A 104 -13.55 -12.53 -13.05
N GLU A 105 -13.04 -11.59 -13.84
CA GLU A 105 -12.39 -11.95 -15.10
C GLU A 105 -10.86 -11.95 -15.03
N VAL A 106 -10.27 -11.19 -14.10
CA VAL A 106 -8.83 -11.03 -14.00
C VAL A 106 -8.43 -11.36 -12.57
N THR A 107 -7.85 -12.55 -12.35
CA THR A 107 -7.56 -12.96 -10.97
C THR A 107 -6.57 -12.02 -10.29
N GLU A 108 -5.70 -11.40 -11.08
CA GLU A 108 -4.66 -10.53 -10.53
C GLU A 108 -5.18 -9.16 -10.09
N ILE A 109 -6.42 -8.80 -10.44
CA ILE A 109 -6.98 -7.52 -10.02
C ILE A 109 -7.72 -7.70 -8.71
N PHE A 110 -7.31 -6.92 -7.71
CA PHE A 110 -7.96 -6.80 -6.41
C PHE A 110 -9.01 -5.70 -6.51
N VAL A 111 -10.25 -6.00 -6.10
CA VAL A 111 -11.37 -5.09 -6.28
C VAL A 111 -11.86 -4.63 -4.92
N SER A 112 -11.77 -3.34 -4.67
CA SER A 112 -12.38 -2.71 -3.52
C SER A 112 -13.65 -2.02 -4.02
N SER A 113 -14.81 -2.50 -3.57
CA SER A 113 -16.04 -1.97 -4.16
C SER A 113 -17.21 -2.07 -3.17
N ASN A 114 -17.99 -1.00 -3.10
CA ASN A 114 -19.29 -1.11 -2.43
C ASN A 114 -20.41 -0.65 -3.34
N VAL A 115 -20.26 -0.87 -4.64
CA VAL A 115 -21.30 -0.64 -5.64
C VAL A 115 -21.69 -1.99 -6.25
N PRO A 116 -22.87 -2.52 -5.95
CA PRO A 116 -23.27 -3.82 -6.51
C PRO A 116 -23.34 -3.76 -8.03
N GLU A 117 -22.89 -4.82 -8.69
CA GLU A 117 -22.98 -4.96 -10.13
C GLU A 117 -24.08 -5.96 -10.44
N ASN A 118 -25.15 -5.50 -11.09
CA ASN A 118 -26.36 -6.30 -11.29
C ASN A 118 -26.84 -6.89 -9.96
N GLY A 119 -26.81 -6.07 -8.90
CA GLY A 119 -27.20 -6.52 -7.58
C GLY A 119 -26.23 -7.47 -6.90
N LYS A 120 -25.05 -7.71 -7.46
CA LYS A 120 -24.08 -8.65 -6.92
C LYS A 120 -22.86 -7.94 -6.36
N GLN A 121 -22.33 -8.47 -5.26
CA GLN A 121 -21.11 -7.94 -4.66
C GLN A 121 -19.88 -8.38 -5.45
N ILE A 122 -19.15 -7.41 -6.00
CA ILE A 122 -17.88 -7.66 -6.68
C ILE A 122 -16.75 -7.21 -5.74
N GLY A 123 -15.75 -8.07 -5.57
CA GLY A 123 -14.71 -7.68 -4.63
C GLY A 123 -15.26 -7.54 -3.22
N VAL A 124 -14.65 -6.65 -2.45
CA VAL A 124 -14.97 -6.50 -1.02
C VAL A 124 -15.20 -5.02 -0.75
N PRO A 125 -16.21 -4.66 0.05
CA PRO A 125 -16.47 -3.25 0.33
C PRO A 125 -15.60 -2.70 1.45
N LYS A 126 -15.30 -1.40 1.34
CA LYS A 126 -14.74 -0.61 2.45
C LYS A 126 -13.42 -1.18 2.94
N THR A 127 -12.50 -1.44 2.00
CA THR A 127 -11.20 -1.99 2.35
C THR A 127 -10.25 -0.87 2.77
N GLY A 128 -9.18 -1.27 3.46
CA GLY A 128 -8.07 -0.38 3.76
C GLY A 128 -8.38 0.80 4.66
N LYS A 129 -9.33 0.67 5.59
CA LYS A 129 -9.68 1.78 6.47
C LYS A 129 -8.79 1.81 7.71
N PHE A 130 -7.48 1.85 7.47
CA PHE A 130 -6.45 1.78 8.49
C PHE A 130 -5.10 2.02 7.79
N TRP A 131 -4.15 2.58 8.55
CA TRP A 131 -2.82 2.80 8.01
C TRP A 131 -2.13 1.47 7.71
N HIS A 132 -1.57 1.35 6.50
CA HIS A 132 -0.86 0.10 6.18
C HIS A 132 0.00 0.29 4.94
N ALA A 133 0.93 -0.64 4.76
CA ALA A 133 1.57 -0.90 3.48
C ALA A 133 1.03 -2.23 2.97
N ASP A 134 0.83 -2.32 1.66
CA ASP A 134 0.18 -3.52 1.12
C ASP A 134 1.10 -4.73 1.29
N TYR A 135 0.51 -5.87 1.67
CA TYR A 135 1.20 -7.13 1.94
C TYR A 135 2.27 -7.01 3.02
N GLN A 136 2.17 -6.01 3.88
CA GLN A 136 3.13 -5.86 4.97
C GLN A 136 3.08 -7.03 5.95
N PHE A 137 1.97 -7.78 5.96
CA PHE A 137 1.80 -8.95 6.81
C PHE A 137 2.24 -10.23 6.11
N MET A 138 2.81 -10.14 4.89
CA MET A 138 3.27 -11.27 4.12
C MET A 138 4.79 -11.30 4.11
N PRO A 139 5.40 -12.47 3.93
N PRO A 139 5.40 -12.47 3.92
CA PRO A 139 6.87 -12.55 4.01
CA PRO A 139 6.87 -12.54 4.02
C PRO A 139 7.58 -11.86 2.87
C PRO A 139 7.60 -11.94 2.83
N ASP A 140 6.95 -11.74 1.69
CA ASP A 140 7.63 -11.27 0.48
C ASP A 140 6.80 -10.19 -0.20
N PRO A 141 6.72 -9.00 0.41
CA PRO A 141 5.84 -7.96 -0.15
C PRO A 141 6.39 -7.41 -1.46
N PHE A 142 5.46 -6.99 -2.33
CA PHE A 142 5.78 -6.40 -3.63
C PHE A 142 6.11 -4.92 -3.47
N GLY A 143 6.87 -4.40 -4.43
CA GLY A 143 7.40 -3.06 -4.32
C GLY A 143 6.54 -1.94 -4.90
N ILE A 144 5.58 -2.25 -5.78
CA ILE A 144 4.81 -1.20 -6.46
C ILE A 144 3.33 -1.54 -6.42
N THR A 145 2.50 -0.57 -6.02
CA THR A 145 1.05 -0.71 -6.07
C THR A 145 0.47 0.18 -7.16
N LEU A 146 -0.51 -0.34 -7.90
CA LEU A 146 -1.24 0.43 -8.91
C LEU A 146 -2.72 0.44 -8.56
N ILE A 147 -3.33 1.63 -8.54
CA ILE A 147 -4.76 1.79 -8.27
C ILE A 147 -5.40 2.49 -9.45
N TYR A 148 -6.45 1.87 -10.00
CA TYR A 148 -7.22 2.43 -11.12
C TYR A 148 -8.63 2.72 -10.62
N PRO A 149 -8.89 3.92 -10.10
CA PRO A 149 -10.24 4.23 -9.59
C PRO A 149 -11.29 4.06 -10.67
N GLN A 150 -12.38 3.41 -10.32
CA GLN A 150 -13.51 3.27 -11.23
C GLN A 150 -14.67 4.20 -10.86
N VAL A 151 -14.97 4.31 -9.56
CA VAL A 151 -16.03 5.18 -9.03
C VAL A 151 -15.42 6.05 -7.94
N ILE A 152 -15.41 7.35 -8.15
CA ILE A 152 -14.69 8.28 -7.27
C ILE A 152 -15.72 9.13 -6.52
N PRO A 153 -15.69 9.14 -5.19
CA PRO A 153 -16.57 10.05 -4.44
C PRO A 153 -16.41 11.49 -4.91
N GLU A 154 -17.52 12.21 -5.02
CA GLU A 154 -17.41 13.59 -5.48
C GLU A 154 -16.73 14.46 -4.42
N LYS A 155 -17.16 14.35 -3.17
CA LYS A 155 -16.67 15.22 -2.11
C LYS A 155 -15.56 14.57 -1.27
N ASN A 156 -15.77 13.34 -0.81
CA ASN A 156 -14.85 12.69 0.13
C ASN A 156 -13.89 11.76 -0.60
N ARG A 157 -13.26 12.23 -1.67
CA ARG A 157 -12.38 11.39 -2.47
C ARG A 157 -10.94 11.50 -1.99
N GLY A 158 -10.15 10.52 -2.39
CA GLY A 158 -8.73 10.54 -2.15
C GLY A 158 -8.28 9.44 -1.21
N THR A 159 -6.97 9.28 -1.14
CA THR A 159 -6.32 8.34 -0.25
C THR A 159 -5.24 9.11 0.50
N TYR A 160 -5.12 8.87 1.80
CA TYR A 160 -4.06 9.49 2.58
C TYR A 160 -2.77 8.67 2.50
N PHE A 161 -1.64 9.36 2.56
CA PHE A 161 -0.33 8.73 2.45
C PHE A 161 0.61 9.31 3.50
N ILE A 162 1.54 8.50 3.98
CA ILE A 162 2.71 8.96 4.71
C ILE A 162 3.96 8.32 4.10
N ASP A 163 4.95 9.14 3.76
CA ASP A 163 6.28 8.68 3.36
C ASP A 163 7.07 8.29 4.59
N MET A 164 7.23 6.99 4.81
CA MET A 164 7.84 6.54 6.06
C MET A 164 9.36 6.65 6.04
N GLY A 165 9.97 7.00 4.90
CA GLY A 165 11.38 7.35 4.90
C GLY A 165 11.58 8.77 5.38
N ARG A 166 10.82 9.71 4.79
CA ARG A 166 10.79 11.07 5.32
C ARG A 166 10.37 11.08 6.78
N ALA A 167 9.36 10.27 7.13
CA ALA A 167 8.93 10.21 8.52
C ALA A 167 10.04 9.70 9.42
N TYR A 168 10.83 8.72 8.96
CA TYR A 168 11.95 8.26 9.75
C TYR A 168 12.93 9.40 9.99
N ASP A 169 13.29 10.12 8.92
CA ASP A 169 14.28 11.20 9.04
C ASP A 169 13.84 12.27 10.03
N ARG A 170 12.53 12.51 10.14
CA ARG A 170 12.03 13.56 11.02
C ARG A 170 11.85 13.13 12.47
N LEU A 171 12.01 11.84 12.78
CA LEU A 171 11.98 11.40 14.17
C LEU A 171 13.10 12.06 14.97
N PRO A 172 12.90 12.28 16.27
CA PRO A 172 14.00 12.75 17.12
C PRO A 172 15.13 11.74 17.08
N GLU A 173 16.37 12.24 17.20
CA GLU A 173 17.53 11.36 17.14
C GLU A 173 17.43 10.22 18.14
N ASP A 174 16.95 10.51 19.36
CA ASP A 174 16.92 9.49 20.39
C ASP A 174 15.93 8.38 20.04
N LEU A 175 14.82 8.75 19.42
CA LEU A 175 13.85 7.75 18.96
C LEU A 175 14.42 6.91 17.83
N LYS A 176 15.17 7.54 16.90
CA LYS A 176 15.94 6.76 15.95
C LYS A 176 16.86 5.77 16.66
N LYS A 177 17.54 6.23 17.72
CA LYS A 177 18.44 5.33 18.45
C LYS A 177 17.67 4.19 19.09
N GLU A 178 16.50 4.49 19.68
CA GLU A 178 15.76 3.48 20.41
C GLU A 178 15.32 2.34 19.48
N ILE A 179 15.01 2.64 18.23
CA ILE A 179 14.56 1.56 17.33
C ILE A 179 15.71 0.93 16.56
N SER A 180 16.91 1.47 16.67
N SER A 180 16.91 1.47 16.65
CA SER A 180 18.07 0.88 16.00
CA SER A 180 18.04 0.87 15.94
C SER A 180 18.28 -0.56 16.49
C SER A 180 18.32 -0.53 16.47
N GLY A 181 18.34 -1.50 15.57
CA GLY A 181 18.55 -2.88 15.91
C GLY A 181 17.32 -3.67 16.29
N THR A 182 16.14 -3.05 16.33
CA THR A 182 14.91 -3.75 16.70
C THR A 182 14.28 -4.42 15.49
N TYR A 183 13.32 -5.30 15.76
CA TYR A 183 12.53 -5.96 14.74
C TYR A 183 11.04 -5.78 15.05
N CYS A 184 10.22 -5.73 14.00
CA CYS A 184 8.77 -5.64 14.18
C CYS A 184 8.06 -6.87 13.64
N ARG A 185 6.90 -7.14 14.22
CA ARG A 185 6.05 -8.26 13.86
C ARG A 185 4.80 -7.70 13.20
N HIS A 186 4.44 -8.23 12.03
CA HIS A 186 3.32 -7.71 11.25
C HIS A 186 2.32 -8.82 10.98
N SER A 187 1.04 -8.50 11.15
CA SER A 187 0.01 -9.52 11.06
C SER A 187 -1.27 -8.90 10.52
N VAL A 188 -2.01 -9.71 9.75
CA VAL A 188 -3.31 -9.29 9.24
C VAL A 188 -4.42 -9.53 10.25
N ARG A 189 -4.11 -10.04 11.43
CA ARG A 189 -5.14 -10.62 12.30
C ARG A 189 -6.19 -9.62 12.74
N LYS A 190 -5.90 -8.32 12.73
CA LYS A 190 -6.93 -7.37 13.17
C LYS A 190 -7.93 -7.07 12.07
N TYR A 191 -7.51 -7.08 10.80
CA TYR A 191 -8.35 -6.57 9.74
C TYR A 191 -8.74 -7.62 8.71
N PHE A 192 -8.38 -8.89 8.94
CA PHE A 192 -8.91 -9.97 8.14
C PHE A 192 -10.44 -9.86 8.06
N LYS A 193 -10.99 -9.91 6.85
CA LYS A 193 -12.41 -9.71 6.65
C LYS A 193 -13.15 -11.05 6.55
N ILE A 194 -14.27 -11.17 7.27
CA ILE A 194 -15.08 -12.39 7.22
C ILE A 194 -15.53 -12.64 5.79
N ARG A 195 -15.45 -13.90 5.39
CA ARG A 195 -15.85 -14.32 4.05
C ARG A 195 -17.21 -15.00 4.08
N PRO A 196 -17.91 -15.05 2.95
CA PRO A 196 -19.19 -15.78 2.92
C PRO A 196 -19.12 -17.19 3.48
N HIS A 197 -18.01 -17.90 3.20
N HIS A 197 -18.05 -17.94 3.20
CA HIS A 197 -17.82 -19.29 3.64
CA HIS A 197 -18.01 -19.32 3.68
C HIS A 197 -17.67 -19.40 5.15
C HIS A 197 -17.65 -19.42 5.17
N ASP A 198 -17.35 -18.31 5.85
CA ASP A 198 -17.11 -18.35 7.28
C ASP A 198 -18.39 -18.35 8.11
N VAL A 199 -19.56 -18.18 7.50
CA VAL A 199 -20.80 -18.08 8.27
C VAL A 199 -21.08 -19.40 8.99
N TYR A 200 -21.45 -19.29 10.27
CA TYR A 200 -21.75 -20.37 11.22
C TYR A 200 -20.50 -21.03 11.77
N ARG A 201 -19.27 -20.59 11.39
CA ARG A 201 -18.07 -21.14 12.03
C ARG A 201 -17.85 -20.47 13.38
N PRO A 202 -17.30 -21.22 14.34
CA PRO A 202 -16.87 -20.57 15.60
C PRO A 202 -15.70 -19.63 15.34
N ILE A 203 -15.72 -18.49 16.02
CA ILE A 203 -14.75 -17.45 15.66
C ILE A 203 -13.32 -17.89 16.00
N SER A 204 -13.15 -18.71 17.04
CA SER A 204 -11.81 -19.13 17.42
C SER A 204 -11.15 -19.94 16.31
N GLU A 205 -11.94 -20.70 15.57
CA GLU A 205 -11.43 -21.51 14.47
C GLU A 205 -10.97 -20.64 13.30
N ILE A 206 -11.64 -19.51 13.06
CA ILE A 206 -11.17 -18.57 12.05
C ILE A 206 -9.93 -17.84 12.54
N ILE A 207 -9.91 -17.45 13.82
CA ILE A 207 -8.71 -16.83 14.40
C ILE A 207 -7.50 -17.74 14.20
N GLU A 208 -7.66 -19.05 14.48
CA GLU A 208 -6.54 -19.97 14.37
C GLU A 208 -6.13 -20.17 12.91
N GLU A 209 -7.13 -20.25 12.02
CA GLU A 209 -6.84 -20.43 10.61
C GLU A 209 -6.00 -19.27 10.08
N VAL A 210 -6.33 -18.04 10.48
CA VAL A 210 -5.56 -16.87 10.06
C VAL A 210 -4.11 -16.97 10.53
N GLU A 211 -3.89 -17.43 11.77
CA GLU A 211 -2.53 -17.57 12.26
C GLU A 211 -1.77 -18.66 11.52
N ARG A 212 -2.47 -19.71 11.07
CA ARG A 212 -1.80 -20.75 10.28
C ARG A 212 -1.50 -20.27 8.86
N LYS A 213 -2.48 -19.65 8.21
N LYS A 213 -2.48 -19.63 8.23
CA LYS A 213 -2.30 -19.30 6.79
CA LYS A 213 -2.36 -19.28 6.82
C LYS A 213 -1.35 -18.13 6.64
C LYS A 213 -1.42 -18.10 6.60
N THR A 214 -1.48 -17.12 7.49
CA THR A 214 -0.69 -15.90 7.39
C THR A 214 -0.11 -15.61 8.76
N PRO A 215 0.85 -16.41 9.21
CA PRO A 215 1.47 -16.15 10.51
C PRO A 215 2.16 -14.79 10.52
N ALA A 216 2.27 -14.21 11.71
CA ALA A 216 2.96 -12.93 11.83
C ALA A 216 4.37 -13.02 11.26
N VAL A 217 4.76 -11.98 10.55
N VAL A 217 4.77 -11.97 10.57
CA VAL A 217 6.06 -11.94 9.88
CA VAL A 217 6.05 -11.91 9.86
C VAL A 217 6.95 -10.96 10.62
C VAL A 217 6.96 -10.94 10.60
N VAL A 218 8.19 -11.36 10.85
CA VAL A 218 9.19 -10.52 11.52
C VAL A 218 10.01 -9.82 10.44
N GLN A 219 10.18 -8.52 10.57
CA GLN A 219 11.00 -7.74 9.67
C GLN A 219 11.85 -6.81 10.50
N PRO A 220 13.00 -6.38 9.98
CA PRO A 220 13.73 -5.30 10.65
C PRO A 220 12.81 -4.08 10.73
N THR A 221 12.86 -3.38 11.86
CA THR A 221 12.03 -2.19 12.04
C THR A 221 12.31 -1.15 10.97
N THR A 222 13.57 -0.96 10.62
CA THR A 222 13.95 -0.12 9.50
C THR A 222 14.75 -0.96 8.50
N PHE A 223 14.59 -0.63 7.22
CA PHE A 223 15.42 -1.27 6.21
C PHE A 223 15.87 -0.21 5.21
N THR A 224 16.85 -0.59 4.39
CA THR A 224 17.39 0.29 3.36
C THR A 224 16.65 0.06 2.06
N HIS A 225 16.04 1.12 1.52
CA HIS A 225 15.34 1.06 0.25
C HIS A 225 16.31 0.60 -0.84
N PRO A 226 16.05 -0.52 -1.55
CA PRO A 226 17.01 -0.95 -2.58
C PRO A 226 17.16 0.03 -3.73
N MET A 227 16.14 0.82 -4.05
CA MET A 227 16.23 1.70 -5.21
C MET A 227 16.80 3.07 -4.88
N THR A 228 16.56 3.59 -3.67
CA THR A 228 17.01 4.93 -3.32
C THR A 228 18.08 4.97 -2.23
N GLY A 229 18.29 3.88 -1.49
CA GLY A 229 19.20 3.94 -0.36
C GLY A 229 18.62 4.57 0.91
N GLU A 230 17.39 5.05 0.88
CA GLU A 230 16.76 5.68 2.05
C GLU A 230 16.53 4.66 3.16
N THR A 231 16.64 5.13 4.40
CA THR A 231 16.19 4.32 5.53
C THR A 231 14.68 4.49 5.67
N VAL A 232 13.96 3.37 5.67
CA VAL A 232 12.50 3.34 5.74
C VAL A 232 12.09 2.77 7.09
N LEU A 233 11.21 3.49 7.78
CA LEU A 233 10.60 2.95 9.00
C LEU A 233 9.39 2.14 8.58
N TYR A 234 9.50 0.81 8.64
CA TYR A 234 8.51 -0.08 8.04
C TYR A 234 7.56 -0.58 9.12
N ILE A 235 6.66 0.33 9.53
CA ILE A 235 5.61 0.01 10.49
C ILE A 235 4.31 0.66 10.03
N SER A 236 3.20 0.14 10.55
CA SER A 236 1.90 0.69 10.23
C SER A 236 0.94 0.36 11.37
N GLU A 237 0.04 1.29 11.67
CA GLU A 237 -0.86 1.08 12.80
C GLU A 237 -1.77 -0.12 12.55
N GLY A 238 -2.09 -0.38 11.29
CA GLY A 238 -3.02 -1.45 10.97
C GLY A 238 -2.43 -2.84 11.04
N PHE A 239 -1.17 -3.00 10.60
CA PHE A 239 -0.57 -4.34 10.53
C PHE A 239 0.54 -4.61 11.52
N THR A 240 1.19 -3.60 12.10
CA THR A 240 2.34 -3.87 12.96
C THR A 240 1.86 -4.11 14.38
N VAL A 241 2.02 -5.35 14.86
CA VAL A 241 1.39 -5.78 16.10
C VAL A 241 2.38 -5.89 17.27
N GLY A 242 3.67 -5.81 17.00
CA GLY A 242 4.64 -5.90 18.07
C GLY A 242 6.02 -5.49 17.61
N ILE A 243 6.84 -5.12 18.59
CA ILE A 243 8.24 -4.79 18.35
C ILE A 243 9.08 -5.59 19.34
N GLU A 244 10.27 -5.99 18.91
CA GLU A 244 11.12 -6.82 19.78
C GLU A 244 12.58 -6.42 19.57
N ASP A 245 13.40 -6.75 20.57
CA ASP A 245 14.78 -6.26 20.58
C ASP A 245 15.67 -7.09 19.68
N GLN A 246 16.94 -6.66 19.57
CA GLN A 246 17.92 -7.35 18.74
C GLN A 246 18.11 -8.81 19.15
N ASP A 247 17.67 -9.19 20.36
CA ASP A 247 17.75 -10.57 20.82
C ASP A 247 16.46 -11.35 20.60
N GLY A 248 15.40 -10.70 20.10
CA GLY A 248 14.15 -11.40 19.85
C GLY A 248 13.15 -11.36 20.97
N LYS A 249 13.44 -10.66 22.07
CA LYS A 249 12.52 -10.57 23.18
C LYS A 249 11.51 -9.45 22.94
N PRO A 250 10.22 -9.69 23.16
CA PRO A 250 9.23 -8.63 22.93
C PRO A 250 9.50 -7.39 23.77
N LEU A 251 9.31 -6.23 23.16
CA LEU A 251 9.39 -4.95 23.84
C LEU A 251 7.99 -4.41 24.10
N ASP A 252 7.87 -3.57 25.13
CA ASP A 252 6.57 -3.02 25.49
C ASP A 252 5.98 -2.26 24.31
N GLU A 253 4.68 -2.47 24.07
CA GLU A 253 4.03 -1.90 22.90
C GLU A 253 3.91 -0.39 22.97
N GLU A 254 4.23 0.23 24.11
N GLU A 254 4.23 0.24 24.11
CA GLU A 254 4.23 1.69 24.18
CA GLU A 254 4.21 1.69 24.16
C GLU A 254 5.22 2.29 23.19
C GLU A 254 5.23 2.31 23.22
N LEU A 255 6.30 1.57 22.87
CA LEU A 255 7.25 2.06 21.88
C LEU A 255 6.59 2.20 20.51
N LEU A 256 5.84 1.17 20.10
CA LEU A 256 5.09 1.26 18.84
C LEU A 256 4.10 2.42 18.85
N LYS A 257 3.40 2.60 19.97
CA LYS A 257 2.46 3.72 20.08
C LYS A 257 3.19 5.05 19.89
N ARG A 258 4.35 5.20 20.53
CA ARG A 258 5.11 6.44 20.38
C ARG A 258 5.59 6.64 18.94
N LEU A 259 5.91 5.54 18.24
CA LEU A 259 6.32 5.66 16.84
C LEU A 259 5.14 6.03 15.96
N PHE A 260 3.97 5.38 16.17
CA PHE A 260 2.76 5.78 15.46
C PHE A 260 2.45 7.25 15.68
N ASP A 261 2.56 7.68 16.94
CA ASP A 261 2.24 9.06 17.30
C ASP A 261 3.17 10.03 16.59
N ALA A 262 4.48 9.74 16.60
CA ALA A 262 5.46 10.65 16.03
C ALA A 262 5.36 10.72 14.51
N THR A 263 4.95 9.63 13.86
CA THR A 263 4.91 9.64 12.40
C THR A 263 3.58 10.15 11.86
N GLY A 264 2.61 10.42 12.74
CA GLY A 264 1.34 10.97 12.32
C GLY A 264 0.21 9.98 12.16
N GLN A 265 0.41 8.71 12.53
CA GLN A 265 -0.58 7.67 12.29
C GLN A 265 -1.70 7.64 13.33
N LEU A 266 -1.59 8.42 14.41
CA LEU A 266 -2.65 8.47 15.42
C LEU A 266 -3.47 9.75 15.33
N ASP A 267 -3.21 10.60 14.35
CA ASP A 267 -3.89 11.89 14.22
C ASP A 267 -5.18 11.67 13.43
N GLU A 268 -6.31 11.57 14.15
CA GLU A 268 -7.57 11.34 13.47
C GLU A 268 -8.09 12.57 12.72
N SER A 269 -7.44 13.73 12.90
CA SER A 269 -7.76 14.90 12.10
C SER A 269 -7.06 14.89 10.74
N PHE A 270 -6.03 14.05 10.58
CA PHE A 270 -5.26 13.96 9.34
C PHE A 270 -4.61 15.29 8.97
N GLU A 271 -4.43 16.17 9.94
CA GLU A 271 -3.74 17.44 9.71
C GLU A 271 -2.23 17.34 9.90
N HIS A 272 -1.75 16.21 10.43
CA HIS A 272 -0.33 16.05 10.73
C HIS A 272 0.54 16.39 9.52
N ASP A 273 1.70 17.00 9.81
CA ASP A 273 2.61 17.46 8.77
C ASP A 273 3.05 16.33 7.82
N ASN A 274 3.17 15.10 8.33
CA ASN A 274 3.64 13.99 7.49
C ASN A 274 2.58 13.52 6.49
N ILE A 275 1.33 13.89 6.68
CA ILE A 275 0.21 13.28 5.96
C ILE A 275 -0.02 14.01 4.64
N HIS A 276 -0.18 13.24 3.57
CA HIS A 276 -0.47 13.74 2.23
C HIS A 276 -1.82 13.18 1.81
N LEU A 277 -2.71 14.06 1.35
CA LEU A 277 -4.00 13.64 0.80
C LEU A 277 -3.85 13.64 -0.72
N GLN A 278 -3.92 12.45 -1.32
CA GLN A 278 -3.81 12.28 -2.76
C GLN A 278 -5.21 12.21 -3.35
N SER A 279 -5.58 13.22 -4.12
CA SER A 279 -6.85 13.17 -4.83
C SER A 279 -6.63 12.63 -6.25
N PHE A 280 -7.74 12.39 -6.95
CA PHE A 280 -7.68 11.89 -8.32
C PHE A 280 -8.97 12.25 -9.02
N GLU A 281 -8.91 12.25 -10.35
CA GLU A 281 -10.03 12.53 -11.22
C GLU A 281 -10.22 11.37 -12.19
N GLN A 282 -11.35 11.35 -12.88
CA GLN A 282 -11.63 10.26 -13.80
C GLN A 282 -10.52 10.18 -14.84
N GLY A 283 -10.07 8.94 -15.11
CA GLY A 283 -8.96 8.72 -16.01
C GLY A 283 -7.61 8.67 -15.35
N ASP A 284 -7.50 9.09 -14.08
CA ASP A 284 -6.26 8.97 -13.34
C ASP A 284 -5.99 7.52 -12.94
N LEU A 285 -4.70 7.19 -12.87
CA LEU A 285 -4.24 5.87 -12.43
C LEU A 285 -3.04 6.13 -11.52
N LEU A 286 -3.15 5.71 -10.26
CA LEU A 286 -2.11 5.94 -9.27
C LEU A 286 -1.14 4.78 -9.24
N VAL A 287 0.16 5.06 -9.25
CA VAL A 287 1.20 4.06 -9.11
C VAL A 287 2.15 4.55 -8.02
N TRP A 288 2.40 3.73 -7.00
CA TRP A 288 3.19 4.27 -5.91
C TRP A 288 4.15 3.24 -5.32
N ASP A 289 5.09 3.79 -4.56
CA ASP A 289 6.19 3.08 -3.91
C ASP A 289 5.65 2.39 -2.66
N ASN A 290 5.43 1.08 -2.75
CA ASN A 290 4.91 0.32 -1.62
C ASN A 290 5.99 -0.12 -0.63
N ARG A 291 7.26 0.28 -0.84
CA ARG A 291 8.26 0.16 0.21
C ARG A 291 8.18 1.35 1.15
N SER A 292 8.17 2.56 0.58
CA SER A 292 8.32 3.80 1.33
C SER A 292 7.02 4.29 1.96
N LEU A 293 5.89 4.04 1.32
CA LEU A 293 4.64 4.69 1.73
C LEU A 293 3.77 3.73 2.54
N ILE A 294 3.04 4.32 3.49
CA ILE A 294 1.83 3.72 4.03
C ILE A 294 0.66 4.58 3.59
N HIS A 295 -0.54 3.98 3.60
CA HIS A 295 -1.72 4.68 3.11
C HIS A 295 -2.94 4.21 3.89
N ARG A 296 -4.04 4.95 3.73
CA ARG A 296 -5.31 4.57 4.35
C ARG A 296 -6.45 5.30 3.65
N ALA A 297 -7.64 4.70 3.73
CA ALA A 297 -8.84 5.35 3.24
C ALA A 297 -9.26 6.48 4.17
N ARG A 298 -10.02 7.42 3.63
CA ARG A 298 -10.56 8.51 4.43
C ARG A 298 -11.64 7.99 5.36
N HIS A 299 -11.94 8.79 6.38
CA HIS A 299 -13.13 8.55 7.18
C HIS A 299 -14.36 8.53 6.28
N THR A 300 -15.33 7.70 6.65
CA THR A 300 -16.62 7.68 5.93
C THR A 300 -17.47 8.85 6.45
N THR A 301 -17.03 10.06 6.12
CA THR A 301 -17.76 11.26 6.49
C THR A 301 -19.05 11.41 5.69
N THR A 302 -19.03 10.99 4.43
CA THR A 302 -20.15 11.02 3.52
C THR A 302 -20.51 9.59 3.14
N PRO A 303 -21.71 9.36 2.57
CA PRO A 303 -22.06 8.00 2.12
C PRO A 303 -21.63 7.67 0.70
N GLU A 304 -20.72 8.46 0.13
CA GLU A 304 -20.33 8.29 -1.26
C GLU A 304 -19.57 6.97 -1.45
N PRO A 305 -19.81 6.25 -2.53
CA PRO A 305 -19.20 4.92 -2.70
C PRO A 305 -17.80 5.00 -3.31
N THR A 306 -17.07 3.90 -3.15
CA THR A 306 -15.73 3.75 -3.70
C THR A 306 -15.65 2.44 -4.45
N VAL A 307 -15.16 2.49 -5.70
CA VAL A 307 -14.76 1.30 -6.45
C VAL A 307 -13.40 1.57 -7.03
N SER A 308 -12.44 0.69 -6.75
N SER A 308 -12.44 0.69 -6.75
CA SER A 308 -11.10 0.82 -7.30
CA SER A 308 -11.10 0.80 -7.29
C SER A 308 -10.59 -0.56 -7.66
C SER A 308 -10.59 -0.57 -7.67
N TYR A 309 -9.82 -0.63 -8.74
CA TYR A 309 -9.12 -1.83 -9.16
C TYR A 309 -7.65 -1.69 -8.79
N ARG A 310 -7.07 -2.76 -8.25
CA ARG A 310 -5.66 -2.73 -7.82
C ARG A 310 -4.86 -3.85 -8.50
N VAL A 311 -3.67 -3.50 -8.99
CA VAL A 311 -2.67 -4.45 -9.44
C VAL A 311 -1.41 -4.19 -8.63
N THR A 312 -0.79 -5.26 -8.12
CA THR A 312 0.37 -5.16 -7.25
C THR A 312 1.50 -6.00 -7.85
N VAL A 313 2.65 -5.38 -8.10
CA VAL A 313 3.68 -5.98 -8.93
C VAL A 313 5.02 -6.00 -8.20
N HIS A 314 5.73 -7.12 -8.36
CA HIS A 314 7.11 -7.23 -7.90
C HIS A 314 8.03 -6.61 -8.95
N ASP A 315 8.95 -5.75 -8.50
CA ASP A 315 9.91 -5.19 -9.44
C ASP A 315 11.22 -5.97 -9.37
N GLU A 316 12.32 -5.33 -9.75
CA GLU A 316 13.57 -6.06 -9.94
C GLU A 316 14.27 -6.41 -8.63
N ARG A 317 13.79 -5.92 -7.48
CA ARG A 317 14.41 -6.19 -6.20
C ARG A 317 13.36 -6.65 -5.19
N LYS A 318 13.81 -7.42 -4.20
CA LYS A 318 12.95 -7.74 -3.08
C LYS A 318 12.63 -6.46 -2.29
N LEU A 319 11.64 -6.57 -1.40
CA LEU A 319 11.27 -5.40 -0.60
C LEU A 319 12.50 -4.78 0.06
N HIS A 320 13.33 -5.61 0.66
CA HIS A 320 14.65 -5.20 1.17
C HIS A 320 15.57 -6.40 1.05
N ASP A 321 16.87 -6.16 1.22
CA ASP A 321 17.87 -7.19 0.89
C ASP A 321 17.78 -8.41 1.81
N GLY A 322 17.13 -8.29 2.97
CA GLY A 322 17.03 -9.40 3.89
C GLY A 322 15.90 -10.37 3.63
N ILE A 323 15.07 -10.13 2.61
CA ILE A 323 13.90 -10.95 2.38
C ILE A 323 14.33 -12.35 1.92
C1 AKG B . -6.51 -0.67 0.38
O1 AKG B . -7.79 -0.43 0.48
O2 AKG B . -5.69 0.18 0.01
C2 AKG B . -6.07 -2.07 0.78
O5 AKG B . -4.92 -2.47 0.64
C3 AKG B . -7.13 -2.98 1.33
C4 AKG B . -6.64 -3.82 2.51
C5 AKG B . -7.72 -4.61 3.18
O3 AKG B . -8.66 -3.88 3.74
O4 AKG B . -7.76 -5.83 3.20
FE FE2 C . -3.78 -0.89 0.58
CL CL D . -2.61 -5.65 1.00
#